data_2HG0
#
_entry.id   2HG0
#
_cell.length_a   89.599
_cell.length_b   89.599
_cell.length_c   154.035
_cell.angle_alpha   90.000
_cell.angle_beta   90.000
_cell.angle_gamma   90.000
#
_symmetry.space_group_name_H-M   'P 41 21 2'
#
loop_
_entity.id
_entity.type
_entity.pdbx_description
1 polymer 'Envelope glycoprotein'
2 branched 2-acetamido-2-deoxy-alpha-D-glucopyranose-(1-4)-[beta-L-fucopyranose-(1-6)]2-acetamido-2-deoxy-beta-D-glucopyranose
3 water water
#
_entity_poly.entity_id   1
_entity_poly.type   'polypeptide(L)'
_entity_poly.pdbx_seq_one_letter_code
;FNCLGMSNRDFLEGVSGATWVDLVLEGDSCVTIMSKDKPTIDVKMMNMEAANLAEVRSYCYLATVSDLSTKAACPTMGEA
HNDKRADPAFVCRQGVVDRGWGNGCGLFGKGSIDTCAKFACSTKAIGRTILKENIKYEVAIFVHGPTTVESHGNYSTQVG
ATQAGRFSITPAAPSYTLKLGEYGEVTVDCEPRSGIDTNAYYVMTVGTKTFLVHREWFMDLNLPWSSAGSTVWRNRETLM
EFEEPHATKQSVIALGSQEGALHQALAGAIPVEFSSNTVKLTSGHLKCRVKMEKLQLKGTTYGVCSKAFKFLGTPADTGH
GTVVLELQYTGTDGPCKVPISSVASLNDLTPVGRLVTVNPFVSVATANAKVLIELEPPFGDSYIVVGRGEQQINHHWHKS
GSHHHHHH
;
_entity_poly.pdbx_strand_id   A
#
loop_
_chem_comp.id
_chem_comp.type
_chem_comp.name
_chem_comp.formula
FUL L-saccharide, beta linking beta-L-fucopyranose 'C6 H12 O5'
NAG D-saccharide, beta linking 2-acetamido-2-deoxy-beta-D-glucopyranose 'C8 H15 N O6'
NDG D-saccharide, alpha linking 2-acetamido-2-deoxy-alpha-D-glucopyranose 'C8 H15 N O6'
#
# COMPACT_ATOMS: atom_id res chain seq x y z
N PHE A 1 -3.19 5.62 12.55
CA PHE A 1 -3.38 6.97 11.93
C PHE A 1 -2.76 8.05 12.82
N ASN A 2 -2.30 7.64 13.98
CA ASN A 2 -1.64 8.55 14.92
C ASN A 2 -0.39 7.79 15.34
N CYS A 3 0.51 8.44 16.07
CA CYS A 3 1.76 7.82 16.44
C CYS A 3 1.85 6.92 17.66
N LEU A 4 1.13 7.26 18.73
CA LEU A 4 1.23 6.48 19.97
C LEU A 4 1.20 4.97 19.84
N GLY A 5 2.20 4.31 20.39
CA GLY A 5 2.25 2.86 20.36
C GLY A 5 3.07 2.24 19.23
N MET A 6 3.37 3.05 18.22
CA MET A 6 4.15 2.56 17.10
C MET A 6 5.65 2.53 17.43
N SER A 7 6.39 1.58 16.85
CA SER A 7 7.81 1.53 17.14
C SER A 7 8.62 2.43 16.18
N ASN A 8 8.03 2.78 15.04
CA ASN A 8 8.71 3.63 14.07
C ASN A 8 8.21 5.06 14.21
N ARG A 9 8.48 5.64 15.37
CA ARG A 9 8.03 7.00 15.63
C ARG A 9 9.23 7.94 15.77
N ASP A 10 9.05 9.19 15.34
CA ASP A 10 10.08 10.22 15.41
C ASP A 10 9.43 11.52 15.88
N PHE A 11 10.03 12.17 16.87
CA PHE A 11 9.49 13.42 17.38
C PHE A 11 10.20 14.58 16.74
N LEU A 12 9.46 15.62 16.40
CA LEU A 12 10.07 16.75 15.76
C LEU A 12 9.60 18.10 16.27
N GLU A 13 10.54 19.03 16.23
CA GLU A 13 10.34 20.42 16.60
C GLU A 13 10.96 21.04 15.38
N GLY A 14 10.11 21.38 14.42
CA GLY A 14 10.59 21.95 13.17
C GLY A 14 11.85 22.79 13.26
N VAL A 15 11.66 24.06 13.58
CA VAL A 15 12.76 25.00 13.69
C VAL A 15 12.40 25.95 14.82
N SER A 16 13.17 27.01 14.96
CA SER A 16 12.91 28.02 15.98
C SER A 16 12.02 29.07 15.34
N GLY A 17 10.85 29.31 15.93
CA GLY A 17 9.94 30.29 15.36
C GLY A 17 9.44 29.89 13.99
N ALA A 18 9.43 28.57 13.73
CA ALA A 18 8.99 28.06 12.44
C ALA A 18 7.52 27.69 12.47
N THR A 19 6.79 28.11 11.44
CA THR A 19 5.37 27.81 11.31
C THR A 19 5.21 26.64 10.36
N TRP A 20 6.36 26.12 9.92
CA TRP A 20 6.38 25.00 9.01
C TRP A 20 7.58 24.12 9.35
N VAL A 21 7.59 22.90 8.83
CA VAL A 21 8.66 21.94 9.08
C VAL A 21 8.82 21.06 7.86
N ASP A 22 10.05 20.65 7.58
CA ASP A 22 10.27 19.78 6.44
C ASP A 22 10.38 18.42 7.06
N LEU A 23 9.82 17.42 6.40
CA LEU A 23 9.79 16.08 6.96
C LEU A 23 9.94 14.94 5.96
N VAL A 24 10.09 13.73 6.47
CA VAL A 24 10.21 12.53 5.65
C VAL A 24 9.36 11.43 6.25
N LEU A 25 8.45 10.88 5.45
CA LEU A 25 7.54 9.81 5.88
C LEU A 25 7.84 8.55 5.08
N GLU A 26 7.64 7.38 5.70
CA GLU A 26 7.89 6.11 5.02
C GLU A 26 7.00 4.98 5.56
N GLY A 27 6.66 4.06 4.66
CA GLY A 27 5.83 2.91 4.99
C GLY A 27 5.14 2.85 6.35
N ASP A 28 5.63 1.97 7.20
CA ASP A 28 5.06 1.76 8.53
C ASP A 28 5.51 2.76 9.59
N SER A 29 5.97 3.93 9.20
CA SER A 29 6.41 4.91 10.20
C SER A 29 5.44 6.06 10.47
N CYS A 30 5.68 6.76 11.59
CA CYS A 30 4.86 7.89 12.00
C CYS A 30 5.78 8.98 12.51
N VAL A 31 5.25 10.20 12.62
CA VAL A 31 5.99 11.34 13.13
C VAL A 31 5.12 12.30 13.95
N THR A 32 5.63 12.64 15.13
CA THR A 32 4.94 13.57 16.03
C THR A 32 5.70 14.88 15.89
N ILE A 33 4.97 15.97 15.69
CA ILE A 33 5.54 17.28 15.51
C ILE A 33 5.05 18.27 16.56
N MET A 34 5.99 18.98 17.17
CA MET A 34 5.69 19.96 18.20
C MET A 34 6.08 21.35 17.74
N SER A 35 5.33 22.33 18.20
CA SER A 35 5.55 23.71 17.82
C SER A 35 5.00 24.65 18.88
N LYS A 36 5.86 25.52 19.38
CA LYS A 36 5.47 26.47 20.39
C LYS A 36 4.06 27.01 20.21
N ASP A 37 3.33 27.09 21.32
CA ASP A 37 1.98 27.62 21.31
C ASP A 37 1.01 27.02 20.29
N LYS A 38 1.27 25.81 19.85
CA LYS A 38 0.38 25.18 18.89
C LYS A 38 0.20 23.70 19.20
N PRO A 39 -0.95 23.16 18.82
CA PRO A 39 -1.22 21.74 19.07
C PRO A 39 -0.12 20.84 18.51
N THR A 40 -0.04 19.63 19.04
CA THR A 40 0.94 18.68 18.56
C THR A 40 0.16 17.90 17.52
N ILE A 41 0.85 17.34 16.53
CA ILE A 41 0.16 16.57 15.48
C ILE A 41 1.02 15.40 15.08
N ASP A 42 0.42 14.45 14.38
CA ASP A 42 1.16 13.29 13.95
C ASP A 42 0.90 13.10 12.47
N VAL A 43 1.97 13.17 11.67
CA VAL A 43 1.83 12.96 10.24
C VAL A 43 2.25 11.52 10.08
N LYS A 44 1.54 10.78 9.24
CA LYS A 44 1.82 9.36 9.07
C LYS A 44 1.39 8.88 7.71
N MET A 45 2.25 8.11 7.05
CA MET A 45 1.89 7.59 5.75
C MET A 45 1.25 6.27 5.99
N MET A 46 0.03 6.17 5.49
CA MET A 46 -0.78 4.98 5.64
C MET A 46 -0.57 3.94 4.54
N ASN A 47 -0.82 4.32 3.29
CA ASN A 47 -0.71 3.36 2.20
C ASN A 47 -0.03 3.90 0.94
N MET A 48 0.61 2.99 0.19
CA MET A 48 1.29 3.28 -1.07
C MET A 48 0.67 2.35 -2.12
N GLU A 49 -0.01 2.89 -3.13
CA GLU A 49 -0.62 2.04 -4.15
C GLU A 49 -0.55 2.57 -5.57
N ALA A 50 -0.63 1.64 -6.52
CA ALA A 50 -0.62 1.96 -7.94
C ALA A 50 -2.06 1.76 -8.37
N ALA A 51 -2.79 2.85 -8.54
CA ALA A 51 -4.20 2.78 -8.91
C ALA A 51 -4.44 3.10 -10.38
N ASN A 52 -5.60 2.69 -10.87
CA ASN A 52 -6.00 2.94 -12.27
C ASN A 52 -5.00 2.33 -13.25
N LEU A 53 -4.72 1.04 -13.09
CA LEU A 53 -3.77 0.37 -13.97
C LEU A 53 -4.34 -0.06 -15.31
N ALA A 54 -3.45 -0.51 -16.19
CA ALA A 54 -3.83 -0.96 -17.52
C ALA A 54 -2.99 -2.16 -17.97
N GLU A 55 -3.66 -3.11 -18.60
CA GLU A 55 -3.04 -4.33 -19.10
C GLU A 55 -2.10 -4.02 -20.26
N VAL A 56 -1.15 -4.91 -20.51
CA VAL A 56 -0.18 -4.73 -21.58
C VAL A 56 -0.01 -5.99 -22.45
N ARG A 57 0.08 -7.14 -21.81
CA ARG A 57 0.25 -8.42 -22.51
C ARG A 57 -0.55 -9.50 -21.81
N SER A 58 -0.53 -10.72 -22.34
CA SER A 58 -1.25 -11.83 -21.71
C SER A 58 -0.81 -13.19 -22.23
N TYR A 59 0.14 -13.81 -21.54
CA TYR A 59 0.60 -15.13 -21.95
C TYR A 59 -0.35 -16.17 -21.41
N CYS A 60 -0.59 -17.22 -22.19
CA CYS A 60 -1.50 -18.28 -21.79
C CYS A 60 -0.86 -19.63 -21.56
N TYR A 61 -1.61 -20.46 -20.85
CA TYR A 61 -1.25 -21.84 -20.59
C TYR A 61 -2.55 -22.37 -21.16
N LEU A 62 -2.51 -23.40 -22.00
CA LEU A 62 -3.75 -23.76 -22.66
C LEU A 62 -4.44 -25.12 -22.72
N ALA A 63 -5.68 -25.04 -23.23
CA ALA A 63 -6.60 -26.14 -23.43
C ALA A 63 -6.87 -26.50 -24.89
N THR A 64 -7.98 -25.99 -25.44
CA THR A 64 -8.42 -26.28 -26.82
C THR A 64 -7.36 -26.65 -27.86
N VAL A 65 -7.18 -27.96 -27.98
CA VAL A 65 -6.26 -28.63 -28.89
C VAL A 65 -7.06 -29.92 -29.11
N SER A 66 -8.33 -29.72 -29.45
CA SER A 66 -9.27 -30.80 -29.65
C SER A 66 -9.67 -31.09 -31.09
N ASP A 67 -10.15 -30.07 -31.81
CA ASP A 67 -10.57 -30.26 -33.20
C ASP A 67 -9.36 -30.49 -34.11
N LEU A 68 -9.54 -31.30 -35.14
CA LEU A 68 -8.46 -31.59 -36.07
C LEU A 68 -8.86 -31.40 -37.52
N SER A 69 -7.87 -31.43 -38.41
CA SER A 69 -8.07 -31.27 -39.85
C SER A 69 -6.83 -31.75 -40.58
N THR A 70 -7.01 -32.33 -41.76
CA THR A 70 -5.89 -32.82 -42.56
C THR A 70 -6.18 -32.78 -44.06
N LYS A 71 -6.02 -31.60 -44.66
CA LYS A 71 -6.25 -31.42 -46.10
C LYS A 71 -5.16 -32.16 -46.87
N ALA A 72 -5.55 -33.24 -47.54
CA ALA A 72 -4.59 -34.04 -48.28
C ALA A 72 -4.43 -33.67 -49.75
N ALA A 73 -3.20 -33.80 -50.23
CA ALA A 73 -2.85 -33.52 -51.62
C ALA A 73 -1.90 -34.60 -52.10
N CYS A 74 -2.26 -35.20 -53.23
CA CYS A 74 -1.49 -36.26 -53.86
C CYS A 74 -0.20 -35.72 -54.45
N PRO A 75 0.80 -36.58 -54.65
CA PRO A 75 2.08 -36.16 -55.23
C PRO A 75 1.88 -35.47 -56.57
N THR A 76 2.68 -34.44 -56.82
CA THR A 76 2.63 -33.65 -58.04
C THR A 76 1.33 -32.87 -58.24
N MET A 77 0.41 -33.01 -57.27
CA MET A 77 -0.87 -32.30 -57.28
C MET A 77 -0.71 -30.95 -56.58
N GLY A 78 0.52 -30.63 -56.19
CA GLY A 78 0.80 -29.37 -55.53
C GLY A 78 0.67 -29.39 -54.02
N GLU A 79 0.36 -28.21 -53.49
CA GLU A 79 0.17 -28.02 -52.05
C GLU A 79 -1.26 -28.33 -51.62
N ALA A 80 -1.50 -28.31 -50.32
CA ALA A 80 -2.82 -28.56 -49.78
C ALA A 80 -3.31 -27.32 -49.04
N HIS A 81 -4.54 -26.90 -49.33
CA HIS A 81 -5.11 -25.74 -48.67
C HIS A 81 -6.30 -26.15 -47.82
N ASN A 82 -6.16 -26.03 -46.51
CA ASN A 82 -7.25 -26.40 -45.61
C ASN A 82 -8.21 -25.22 -45.46
N ASP A 83 -9.50 -25.47 -45.61
CA ASP A 83 -10.48 -24.42 -45.48
C ASP A 83 -10.36 -23.74 -44.12
N LYS A 84 -9.86 -24.48 -43.13
CA LYS A 84 -9.69 -23.95 -41.79
C LYS A 84 -8.51 -22.99 -41.78
N ARG A 85 -8.31 -22.30 -42.91
CA ARG A 85 -7.22 -21.34 -43.02
C ARG A 85 -7.78 -19.94 -43.27
N ALA A 86 -9.10 -19.85 -43.40
CA ALA A 86 -9.79 -18.59 -43.64
C ALA A 86 -9.92 -17.75 -42.37
N ASP A 87 -10.18 -18.43 -41.25
CA ASP A 87 -10.33 -17.77 -39.96
C ASP A 87 -9.43 -18.41 -38.90
N PRO A 88 -8.89 -17.59 -37.97
CA PRO A 88 -8.01 -18.09 -36.91
C PRO A 88 -8.70 -19.16 -36.07
N ALA A 89 -9.79 -19.71 -36.61
CA ALA A 89 -10.55 -20.78 -35.96
C ALA A 89 -9.57 -21.88 -35.58
N PHE A 90 -8.56 -22.06 -36.41
CA PHE A 90 -7.54 -23.08 -36.18
C PHE A 90 -6.15 -22.60 -36.62
N VAL A 91 -5.12 -23.33 -36.19
CA VAL A 91 -3.74 -23.02 -36.56
C VAL A 91 -3.31 -24.13 -37.53
N CYS A 92 -2.93 -23.74 -38.73
CA CYS A 92 -2.53 -24.72 -39.73
C CYS A 92 -1.03 -24.73 -40.00
N ARG A 93 -0.54 -25.90 -40.41
CA ARG A 93 0.87 -26.09 -40.74
C ARG A 93 1.00 -27.21 -41.76
N GLN A 94 1.75 -26.93 -42.83
CA GLN A 94 1.95 -27.91 -43.90
C GLN A 94 3.10 -28.89 -43.67
N GLY A 95 3.01 -30.01 -44.36
CA GLY A 95 4.02 -31.06 -44.29
C GLY A 95 3.84 -31.95 -45.50
N VAL A 96 4.66 -32.99 -45.62
CA VAL A 96 4.57 -33.91 -46.75
C VAL A 96 4.62 -35.36 -46.30
N VAL A 97 3.88 -36.23 -46.98
CA VAL A 97 3.88 -37.64 -46.61
C VAL A 97 4.21 -38.57 -47.75
N ASP A 98 5.11 -39.52 -47.46
CA ASP A 98 5.51 -40.50 -48.45
C ASP A 98 4.31 -41.38 -48.71
N ARG A 99 3.87 -41.45 -49.97
CA ARG A 99 2.74 -42.28 -50.31
C ARG A 99 2.58 -42.62 -51.79
N GLY A 100 1.43 -43.21 -52.12
CA GLY A 100 1.15 -43.59 -53.49
C GLY A 100 -0.01 -44.57 -53.61
N TRP A 101 0.21 -45.66 -54.34
CA TRP A 101 -0.82 -46.67 -54.53
C TRP A 101 -1.26 -47.15 -53.17
N GLY A 102 -0.28 -47.65 -52.40
CA GLY A 102 -0.57 -48.15 -51.07
C GLY A 102 -1.71 -47.43 -50.39
N ASN A 103 -1.77 -46.10 -50.51
CA ASN A 103 -2.85 -45.37 -49.87
C ASN A 103 -3.66 -44.46 -50.77
N GLY A 104 -4.26 -45.05 -51.80
CA GLY A 104 -5.11 -44.29 -52.70
C GLY A 104 -4.50 -43.31 -53.69
N CYS A 105 -3.20 -43.06 -53.65
CA CYS A 105 -2.70 -42.13 -54.65
C CYS A 105 -2.10 -42.83 -55.88
N GLY A 106 -2.25 -42.18 -57.02
CA GLY A 106 -1.78 -42.70 -58.30
C GLY A 106 -0.29 -42.82 -58.55
N LEU A 107 0.52 -41.85 -58.11
CA LEU A 107 1.97 -41.91 -58.31
C LEU A 107 2.60 -42.09 -56.95
N PHE A 108 3.91 -42.35 -56.92
CA PHE A 108 4.64 -42.56 -55.66
C PHE A 108 5.60 -41.42 -55.32
N GLY A 109 5.51 -40.94 -54.09
CA GLY A 109 6.39 -39.86 -53.67
C GLY A 109 5.72 -38.97 -52.66
N LYS A 110 6.35 -37.83 -52.39
CA LYS A 110 5.85 -36.86 -51.41
C LYS A 110 4.61 -36.09 -51.80
N GLY A 111 3.59 -36.20 -50.95
CA GLY A 111 2.34 -35.50 -51.17
C GLY A 111 2.17 -34.39 -50.14
N SER A 112 1.52 -33.31 -50.55
CA SER A 112 1.28 -32.17 -49.66
C SER A 112 0.35 -32.54 -48.51
N ILE A 113 0.41 -31.74 -47.45
CA ILE A 113 -0.39 -31.92 -46.24
C ILE A 113 -0.49 -30.59 -45.47
N ASP A 114 -1.72 -30.17 -45.16
CA ASP A 114 -1.93 -28.92 -44.43
C ASP A 114 -3.05 -29.09 -43.42
N THR A 115 -2.69 -29.51 -42.20
CA THR A 115 -3.66 -29.74 -41.13
C THR A 115 -3.90 -28.52 -40.24
N CYS A 116 -4.92 -28.57 -39.39
CA CYS A 116 -5.19 -27.45 -38.51
C CYS A 116 -5.81 -27.86 -37.18
N ALA A 117 -5.45 -27.14 -36.12
CA ALA A 117 -5.97 -27.38 -34.77
C ALA A 117 -6.57 -26.07 -34.27
N LYS A 118 -7.50 -26.14 -33.31
CA LYS A 118 -8.15 -24.91 -32.81
C LYS A 118 -7.44 -24.21 -31.68
N PHE A 119 -7.74 -22.92 -31.51
CA PHE A 119 -7.09 -22.16 -30.45
C PHE A 119 -7.89 -21.08 -29.72
N ALA A 120 -8.01 -21.26 -28.41
CA ALA A 120 -8.69 -20.36 -27.48
C ALA A 120 -7.85 -20.47 -26.20
N CYS A 121 -8.00 -19.53 -25.27
CA CYS A 121 -7.18 -19.57 -24.07
C CYS A 121 -7.90 -19.95 -22.78
N SER A 122 -7.13 -20.50 -21.84
CA SER A 122 -7.61 -20.94 -20.53
C SER A 122 -7.12 -20.02 -19.41
N THR A 123 -5.93 -20.32 -18.90
CA THR A 123 -5.34 -19.54 -17.82
C THR A 123 -4.36 -18.49 -18.37
N LYS A 124 -4.83 -17.23 -18.42
CA LYS A 124 -4.03 -16.12 -18.94
C LYS A 124 -3.11 -15.48 -17.90
N ALA A 125 -1.82 -15.73 -18.00
CA ALA A 125 -0.86 -15.16 -17.06
C ALA A 125 -0.74 -13.66 -17.38
N ILE A 126 -1.83 -12.94 -17.14
CA ILE A 126 -1.92 -11.50 -17.39
C ILE A 126 -0.86 -10.62 -16.72
N GLY A 127 -0.61 -9.46 -17.34
CA GLY A 127 0.38 -8.53 -16.80
C GLY A 127 0.01 -7.12 -17.19
N ARG A 128 0.39 -6.12 -16.38
CA ARG A 128 0.06 -4.73 -16.68
C ARG A 128 1.17 -3.71 -16.38
N THR A 129 0.85 -2.44 -16.57
CA THR A 129 1.79 -1.33 -16.35
C THR A 129 1.45 -0.42 -15.17
N ILE A 130 2.45 0.37 -14.77
CA ILE A 130 2.28 1.30 -13.65
C ILE A 130 2.79 2.69 -14.00
N LEU A 131 1.91 3.51 -14.57
CA LEU A 131 2.26 4.87 -14.93
C LEU A 131 2.71 5.58 -13.65
N LYS A 132 3.72 6.44 -13.74
CA LYS A 132 4.16 7.16 -12.55
C LYS A 132 2.97 8.00 -12.11
N GLU A 133 2.02 8.15 -13.03
CA GLU A 133 0.82 8.93 -12.81
C GLU A 133 -0.22 8.12 -12.02
N ASN A 134 0.04 6.83 -11.86
CA ASN A 134 -0.86 5.94 -11.14
C ASN A 134 -0.47 5.81 -9.66
N ILE A 135 0.57 6.54 -9.26
CA ILE A 135 1.03 6.49 -7.88
C ILE A 135 0.28 7.50 -7.01
N LYS A 136 -0.41 6.98 -6.00
CA LYS A 136 -1.17 7.81 -5.09
C LYS A 136 -0.73 7.46 -3.68
N TYR A 137 -0.63 8.49 -2.84
CA TYR A 137 -0.22 8.31 -1.46
C TYR A 137 -1.38 8.56 -0.51
N GLU A 138 -1.36 7.91 0.65
CA GLU A 138 -2.41 8.10 1.62
C GLU A 138 -1.79 8.50 2.95
N VAL A 139 -1.89 9.78 3.27
CA VAL A 139 -1.34 10.32 4.50
C VAL A 139 -2.44 10.60 5.50
N ALA A 140 -2.19 10.21 6.75
CA ALA A 140 -3.16 10.45 7.82
C ALA A 140 -2.61 11.40 8.86
N ILE A 141 -3.37 12.44 9.18
CA ILE A 141 -2.96 13.42 10.18
C ILE A 141 -3.81 13.37 11.44
N PHE A 142 -3.15 13.31 12.59
CA PHE A 142 -3.82 13.31 13.87
C PHE A 142 -3.51 14.62 14.64
N VAL A 143 -4.38 14.98 15.58
CA VAL A 143 -4.19 16.18 16.39
C VAL A 143 -4.26 15.78 17.86
N HIS A 144 -3.20 16.08 18.60
CA HIS A 144 -3.10 15.73 20.02
C HIS A 144 -4.03 16.51 20.91
N GLY A 145 -5.28 16.60 20.47
CA GLY A 145 -6.28 17.28 21.27
C GLY A 145 -6.72 16.27 22.31
N PRO A 146 -7.67 16.65 23.18
CA PRO A 146 -8.16 15.77 24.23
C PRO A 146 -8.43 14.35 23.79
N THR A 147 -8.03 13.40 24.61
CA THR A 147 -8.23 11.98 24.34
C THR A 147 -8.18 11.17 25.62
N THR A 148 -8.43 9.87 25.48
CA THR A 148 -8.40 8.93 26.59
C THR A 148 -7.71 7.70 26.05
N VAL A 149 -7.23 6.85 26.94
CA VAL A 149 -6.59 5.64 26.51
C VAL A 149 -7.50 5.05 25.43
N GLU A 150 -8.79 5.04 25.72
CA GLU A 150 -9.77 4.51 24.79
C GLU A 150 -9.75 5.16 23.39
N SER A 151 -10.39 6.32 23.31
CA SER A 151 -10.51 7.09 22.09
C SER A 151 -9.23 7.45 21.35
N HIS A 152 -8.07 7.25 21.97
CA HIS A 152 -6.86 7.66 21.28
C HIS A 152 -6.60 6.93 19.97
N GLY A 153 -6.98 5.66 19.89
CA GLY A 153 -6.73 4.92 18.68
C GLY A 153 -7.92 4.74 17.76
N ASN A 154 -9.10 5.19 18.19
CA ASN A 154 -10.29 5.05 17.37
C ASN A 154 -10.31 6.14 16.31
N TYR A 155 -10.13 5.72 15.06
CA TYR A 155 -10.12 6.70 13.99
C TYR A 155 -11.44 7.44 13.93
N SER A 156 -12.51 6.68 14.10
CA SER A 156 -13.87 7.20 14.07
C SER A 156 -14.02 8.35 15.04
N THR A 157 -14.01 8.01 16.32
CA THR A 157 -14.12 8.99 17.39
C THR A 157 -13.36 10.24 17.03
N GLN A 158 -12.08 10.05 16.71
CA GLN A 158 -11.20 11.17 16.38
C GLN A 158 -11.67 12.03 15.23
N VAL A 159 -12.07 11.40 14.13
CA VAL A 159 -12.59 12.17 13.00
C VAL A 159 -13.78 12.97 13.56
N GLY A 160 -14.69 12.24 14.22
CA GLY A 160 -15.84 12.88 14.82
C GLY A 160 -15.42 14.08 15.63
N ALA A 161 -14.39 13.92 16.45
CA ALA A 161 -13.92 15.02 17.28
C ALA A 161 -13.14 16.03 16.46
N THR A 162 -13.04 15.80 15.16
CA THR A 162 -12.29 16.67 14.23
C THR A 162 -10.86 16.81 14.74
N GLN A 163 -10.30 15.69 15.14
CA GLN A 163 -8.95 15.63 15.63
C GLN A 163 -8.18 14.60 14.84
N ALA A 164 -8.61 14.38 13.60
CA ALA A 164 -7.95 13.41 12.73
C ALA A 164 -8.43 13.60 11.30
N GLY A 165 -7.69 12.98 10.38
CA GLY A 165 -8.05 13.07 8.98
C GLY A 165 -7.20 12.13 8.16
N ARG A 166 -7.69 11.75 6.99
CA ARG A 166 -6.95 10.87 6.12
C ARG A 166 -7.21 11.32 4.70
N PHE A 167 -6.20 11.92 4.07
CA PHE A 167 -6.32 12.40 2.71
C PHE A 167 -5.27 11.72 1.83
N SER A 168 -5.35 11.90 0.53
CA SER A 168 -4.40 11.29 -0.39
C SER A 168 -3.56 12.33 -1.14
N ILE A 169 -2.36 11.92 -1.55
CA ILE A 169 -1.46 12.79 -2.29
C ILE A 169 -1.12 12.14 -3.60
N THR A 170 -1.13 12.94 -4.66
CA THR A 170 -0.85 12.45 -5.98
C THR A 170 0.08 13.38 -6.71
N PRO A 171 0.80 12.86 -7.70
CA PRO A 171 1.74 13.66 -8.50
C PRO A 171 0.95 14.78 -9.14
N ALA A 172 -0.35 14.52 -9.37
CA ALA A 172 -1.24 15.50 -9.97
C ALA A 172 -1.34 16.71 -9.04
N ALA A 173 -1.75 16.45 -7.79
CA ALA A 173 -1.88 17.46 -6.75
C ALA A 173 -1.14 16.95 -5.51
N PRO A 174 0.17 17.23 -5.42
CA PRO A 174 1.06 16.82 -4.32
C PRO A 174 0.81 17.47 -2.97
N SER A 175 -0.15 18.37 -2.88
CA SER A 175 -0.41 19.00 -1.60
C SER A 175 -1.85 18.85 -1.14
N TYR A 176 -2.17 19.49 -0.01
CA TYR A 176 -3.51 19.46 0.55
C TYR A 176 -3.58 20.31 1.79
N THR A 177 -4.75 20.83 2.09
CA THR A 177 -4.93 21.64 3.28
C THR A 177 -6.04 21.00 4.07
N LEU A 178 -5.65 20.16 5.02
CA LEU A 178 -6.59 19.47 5.86
C LEU A 178 -7.09 20.40 6.96
N LYS A 179 -8.41 20.61 6.98
CA LYS A 179 -9.01 21.48 7.98
C LYS A 179 -9.40 20.66 9.21
N LEU A 180 -9.13 21.21 10.38
CA LEU A 180 -9.41 20.52 11.63
C LEU A 180 -10.22 21.38 12.57
N GLY A 181 -11.37 21.83 12.08
CA GLY A 181 -12.24 22.66 12.89
C GLY A 181 -11.56 23.86 13.52
N GLU A 182 -11.94 24.14 14.77
CA GLU A 182 -11.38 25.25 15.53
C GLU A 182 -9.87 25.16 15.75
N TYR A 183 -9.26 24.07 15.28
CA TYR A 183 -7.82 23.90 15.40
C TYR A 183 -7.17 24.49 14.14
N GLY A 184 -7.99 25.13 13.32
CA GLY A 184 -7.47 25.72 12.10
C GLY A 184 -7.28 24.65 11.04
N GLU A 185 -6.05 24.51 10.56
CA GLU A 185 -5.79 23.53 9.52
C GLU A 185 -4.30 23.35 9.30
N VAL A 186 -3.95 22.23 8.70
CA VAL A 186 -2.57 21.89 8.40
C VAL A 186 -2.55 21.66 6.90
N THR A 187 -1.52 22.14 6.23
CA THR A 187 -1.42 22.01 4.78
C THR A 187 -0.11 21.35 4.39
N VAL A 188 -0.14 20.10 3.99
CA VAL A 188 1.11 19.48 3.61
C VAL A 188 1.32 19.67 2.11
N ASP A 189 2.58 19.59 1.68
CA ASP A 189 3.00 19.73 0.29
C ASP A 189 3.93 18.59 -0.02
N CYS A 190 3.58 17.40 0.42
CA CYS A 190 4.44 16.26 0.16
C CYS A 190 4.84 16.25 -1.28
N GLU A 191 6.08 15.84 -1.53
CA GLU A 191 6.59 15.79 -2.88
C GLU A 191 6.82 14.33 -3.23
N PRO A 192 5.87 13.75 -3.99
CA PRO A 192 5.83 12.37 -4.46
C PRO A 192 7.21 11.78 -4.75
N ARG A 193 8.19 12.66 -4.92
CA ARG A 193 9.54 12.20 -5.18
C ARG A 193 9.88 11.19 -4.09
N SER A 194 10.64 10.17 -4.46
CA SER A 194 11.01 9.12 -3.52
C SER A 194 12.12 8.26 -4.10
N GLY A 195 12.76 7.50 -3.22
CA GLY A 195 13.82 6.60 -3.65
C GLY A 195 13.24 5.22 -3.80
N ILE A 196 12.85 4.87 -5.02
CA ILE A 196 12.25 3.57 -5.29
C ILE A 196 12.56 3.04 -6.66
N ASP A 197 11.96 1.91 -7.00
CA ASP A 197 12.16 1.29 -8.28
C ASP A 197 11.30 1.88 -9.38
N THR A 198 11.96 2.30 -10.45
CA THR A 198 11.30 2.93 -11.58
C THR A 198 10.21 2.04 -12.18
N ASN A 199 9.16 2.69 -12.65
CA ASN A 199 8.02 2.03 -13.27
C ASN A 199 8.48 0.99 -14.30
N ALA A 200 9.75 1.08 -14.68
CA ALA A 200 10.37 0.18 -15.65
C ALA A 200 9.98 -1.28 -15.49
N TYR A 201 9.63 -1.71 -14.30
CA TYR A 201 9.25 -3.10 -14.10
C TYR A 201 7.78 -3.31 -14.46
N TYR A 202 7.46 -4.46 -15.04
CA TYR A 202 6.08 -4.75 -15.41
C TYR A 202 5.29 -5.32 -14.24
N VAL A 203 3.97 -5.44 -14.41
CA VAL A 203 3.12 -5.98 -13.37
C VAL A 203 2.65 -7.39 -13.73
N MET A 204 3.40 -8.39 -13.26
CA MET A 204 3.10 -9.79 -13.54
C MET A 204 1.99 -10.36 -12.67
N THR A 205 0.97 -10.94 -13.31
CA THR A 205 -0.15 -11.55 -12.59
C THR A 205 -0.22 -13.02 -12.96
N VAL A 206 -0.19 -13.89 -11.96
CA VAL A 206 -0.25 -15.32 -12.21
C VAL A 206 -1.25 -16.03 -11.29
N GLY A 207 -2.44 -16.29 -11.81
CA GLY A 207 -3.47 -16.96 -11.03
C GLY A 207 -3.87 -16.13 -9.82
N THR A 208 -3.16 -16.35 -8.72
CA THR A 208 -3.41 -15.64 -7.48
C THR A 208 -2.21 -14.81 -7.05
N LYS A 209 -1.03 -15.41 -7.18
CA LYS A 209 0.22 -14.77 -6.79
C LYS A 209 0.76 -13.72 -7.77
N THR A 210 0.52 -12.46 -7.45
CA THR A 210 0.99 -11.35 -8.28
C THR A 210 2.48 -11.15 -8.02
N PHE A 211 3.18 -10.65 -9.03
CA PHE A 211 4.61 -10.40 -8.94
C PHE A 211 5.00 -9.19 -9.78
N LEU A 212 6.22 -8.72 -9.57
CA LEU A 212 6.73 -7.58 -10.30
C LEU A 212 7.94 -8.06 -11.09
N VAL A 213 7.76 -8.18 -12.41
CA VAL A 213 8.83 -8.66 -13.29
C VAL A 213 9.45 -7.59 -14.20
N HIS A 214 10.65 -7.89 -14.71
CA HIS A 214 11.38 -7.00 -15.62
C HIS A 214 10.69 -6.92 -16.98
N ARG A 215 10.45 -5.71 -17.48
CA ARG A 215 9.81 -5.53 -18.78
C ARG A 215 10.16 -6.63 -19.78
N GLU A 216 11.46 -6.84 -19.97
CA GLU A 216 11.97 -7.82 -20.92
C GLU A 216 11.77 -9.28 -20.57
N TRP A 217 12.25 -9.73 -19.41
CA TRP A 217 12.07 -11.14 -19.07
C TRP A 217 10.65 -11.54 -19.45
N PHE A 218 9.74 -10.61 -19.18
CA PHE A 218 8.32 -10.77 -19.47
C PHE A 218 8.06 -10.72 -20.98
N MET A 219 8.09 -9.50 -21.51
CA MET A 219 7.85 -9.25 -22.93
C MET A 219 8.62 -10.20 -23.83
N ASP A 220 9.88 -10.44 -23.50
CA ASP A 220 10.73 -11.33 -24.28
C ASP A 220 10.73 -12.73 -23.71
N LEU A 221 9.56 -13.38 -23.71
CA LEU A 221 9.43 -14.73 -23.20
C LEU A 221 8.78 -15.54 -24.32
N ASN A 222 8.73 -16.86 -24.17
CA ASN A 222 8.12 -17.69 -25.21
C ASN A 222 6.84 -18.37 -24.74
N LEU A 223 5.71 -17.77 -25.12
CA LEU A 223 4.38 -18.30 -24.79
C LEU A 223 3.33 -17.56 -25.60
N PRO A 224 2.18 -18.19 -25.87
CA PRO A 224 1.15 -17.51 -26.64
C PRO A 224 0.86 -16.19 -25.93
N TRP A 225 0.25 -15.24 -26.63
CA TRP A 225 -0.04 -13.97 -25.98
C TRP A 225 -1.09 -13.13 -26.70
N SER A 226 -1.65 -12.17 -25.99
CA SER A 226 -2.67 -11.30 -26.54
C SER A 226 -2.68 -9.97 -25.78
N SER A 227 -2.71 -8.86 -26.50
CA SER A 227 -2.73 -7.55 -25.85
C SER A 227 -4.07 -7.31 -25.13
N ALA A 228 -4.95 -6.53 -25.74
CA ALA A 228 -6.25 -6.23 -25.14
C ALA A 228 -7.41 -6.84 -25.92
N GLY A 229 -7.11 -7.75 -26.85
CA GLY A 229 -8.14 -8.38 -27.66
C GLY A 229 -8.31 -9.88 -27.45
N SER A 230 -9.41 -10.40 -27.96
CA SER A 230 -9.73 -11.83 -27.86
C SER A 230 -8.90 -12.58 -28.90
N THR A 231 -8.13 -11.83 -29.67
CA THR A 231 -7.28 -12.38 -30.71
C THR A 231 -5.93 -12.74 -30.12
N VAL A 232 -5.48 -13.97 -30.40
CA VAL A 232 -4.20 -14.45 -29.88
C VAL A 232 -3.18 -14.69 -30.99
N TRP A 233 -1.92 -14.33 -30.73
CA TRP A 233 -0.85 -14.55 -31.71
C TRP A 233 0.24 -15.45 -31.13
N ARG A 234 1.06 -16.02 -31.99
CA ARG A 234 2.15 -16.91 -31.57
C ARG A 234 1.68 -18.15 -30.83
N ASN A 235 0.43 -18.54 -31.09
CA ASN A 235 -0.17 -19.71 -30.45
C ASN A 235 0.59 -20.96 -30.83
N ARG A 236 1.72 -20.79 -31.52
CA ARG A 236 2.52 -21.90 -31.96
C ARG A 236 2.83 -22.87 -30.83
N GLU A 237 2.60 -22.42 -29.59
CA GLU A 237 2.86 -23.27 -28.45
C GLU A 237 1.85 -24.40 -28.35
N THR A 238 1.11 -24.57 -29.44
CA THR A 238 0.11 -25.63 -29.56
C THR A 238 0.91 -26.76 -30.21
N LEU A 239 2.21 -26.75 -29.91
CA LEU A 239 3.21 -27.68 -30.43
C LEU A 239 3.10 -29.19 -30.26
N MET A 240 4.16 -29.84 -30.73
CA MET A 240 4.31 -31.30 -30.71
C MET A 240 3.11 -31.94 -31.40
N GLU A 241 2.87 -31.47 -32.62
CA GLU A 241 1.77 -31.95 -33.45
C GLU A 241 2.29 -32.82 -34.58
N PHE A 242 3.35 -32.33 -35.21
CA PHE A 242 3.96 -32.97 -36.35
C PHE A 242 4.51 -34.38 -36.14
N GLU A 243 3.64 -35.33 -35.83
CA GLU A 243 4.11 -36.69 -35.72
C GLU A 243 4.57 -37.06 -37.14
N GLU A 244 4.35 -36.12 -38.07
CA GLU A 244 4.71 -36.27 -39.49
C GLU A 244 3.90 -37.49 -39.85
N PRO A 245 2.57 -37.34 -39.81
CA PRO A 245 1.47 -38.26 -40.06
C PRO A 245 1.12 -38.72 -41.46
N HIS A 246 -0.11 -39.22 -41.54
CA HIS A 246 -0.76 -39.74 -42.73
C HIS A 246 -1.89 -38.75 -43.00
N ALA A 247 -2.44 -38.77 -44.21
CA ALA A 247 -3.52 -37.84 -44.57
C ALA A 247 -4.77 -38.01 -43.69
N THR A 248 -4.87 -39.14 -43.00
CA THR A 248 -6.02 -39.42 -42.15
C THR A 248 -6.09 -38.61 -40.87
N LYS A 249 -5.01 -38.66 -40.07
CA LYS A 249 -4.99 -37.93 -38.80
C LYS A 249 -3.60 -37.51 -38.35
N GLN A 250 -3.45 -36.23 -38.05
CA GLN A 250 -2.18 -35.72 -37.56
C GLN A 250 -2.39 -35.44 -36.09
N SER A 251 -1.83 -36.32 -35.26
CA SER A 251 -1.93 -36.18 -33.82
C SER A 251 -1.61 -34.75 -33.42
N VAL A 252 -2.55 -34.11 -32.74
CA VAL A 252 -2.35 -32.75 -32.29
C VAL A 252 -2.32 -32.75 -30.76
N ILE A 253 -1.25 -33.30 -30.21
CA ILE A 253 -1.11 -33.39 -28.75
C ILE A 253 -1.06 -31.99 -28.14
N ALA A 254 -1.87 -31.76 -27.12
CA ALA A 254 -1.88 -30.49 -26.43
C ALA A 254 -0.55 -30.47 -25.68
N LEU A 255 0.23 -29.42 -25.86
CA LEU A 255 1.51 -29.33 -25.19
C LEU A 255 1.36 -29.32 -23.68
N GLY A 256 2.05 -30.23 -23.02
CA GLY A 256 1.98 -30.31 -21.57
C GLY A 256 2.20 -28.95 -20.92
N SER A 257 1.29 -28.56 -20.03
CA SER A 257 1.39 -27.28 -19.34
C SER A 257 2.26 -27.45 -18.09
N GLN A 258 3.47 -26.91 -18.13
CA GLN A 258 4.39 -27.02 -17.00
C GLN A 258 4.65 -25.69 -16.31
N GLU A 259 3.85 -25.40 -15.28
CA GLU A 259 3.99 -24.15 -14.55
C GLU A 259 5.40 -23.91 -14.02
N GLY A 260 6.28 -24.89 -14.22
CA GLY A 260 7.64 -24.74 -13.78
C GLY A 260 8.31 -23.59 -14.51
N ALA A 261 8.08 -23.51 -15.82
CA ALA A 261 8.65 -22.44 -16.64
C ALA A 261 8.49 -21.09 -15.96
N LEU A 262 7.32 -20.89 -15.36
CA LEU A 262 7.03 -19.64 -14.66
C LEU A 262 7.70 -19.68 -13.29
N HIS A 263 7.15 -20.53 -12.44
CA HIS A 263 7.64 -20.71 -11.08
C HIS A 263 9.16 -20.57 -11.00
N GLN A 264 9.87 -21.34 -11.82
CA GLN A 264 11.33 -21.30 -11.81
C GLN A 264 11.91 -19.90 -11.75
N ALA A 265 11.28 -18.95 -12.45
CA ALA A 265 11.76 -17.58 -12.45
C ALA A 265 10.99 -16.77 -11.41
N LEU A 266 10.79 -17.38 -10.25
CA LEU A 266 10.06 -16.75 -9.14
C LEU A 266 10.87 -15.67 -8.43
N ALA A 267 11.87 -16.11 -7.67
CA ALA A 267 12.73 -15.22 -6.90
C ALA A 267 13.14 -13.94 -7.65
N GLY A 268 13.50 -14.08 -8.92
CA GLY A 268 13.90 -12.93 -9.71
C GLY A 268 12.99 -11.75 -9.49
N ALA A 269 11.73 -11.92 -9.85
CA ALA A 269 10.72 -10.88 -9.71
C ALA A 269 10.17 -10.82 -8.28
N ILE A 270 10.07 -9.60 -7.76
CA ILE A 270 9.56 -9.39 -6.41
C ILE A 270 8.05 -9.64 -6.36
N PRO A 271 7.58 -10.29 -5.28
CA PRO A 271 6.15 -10.58 -5.11
C PRO A 271 5.41 -9.38 -4.56
N VAL A 272 4.14 -9.22 -4.93
CA VAL A 272 3.34 -8.09 -4.45
C VAL A 272 1.85 -8.40 -4.39
N GLU A 273 1.20 -7.95 -3.31
CA GLU A 273 -0.22 -8.18 -3.17
C GLU A 273 -0.93 -7.27 -4.16
N PHE A 274 -1.89 -7.84 -4.87
CA PHE A 274 -2.63 -7.09 -5.88
C PHE A 274 -4.11 -7.48 -5.91
N SER A 275 -4.97 -6.48 -5.73
CA SER A 275 -6.41 -6.69 -5.76
C SER A 275 -6.82 -6.26 -7.16
N SER A 276 -7.87 -6.88 -7.70
CA SER A 276 -8.35 -6.57 -9.04
C SER A 276 -7.87 -5.25 -9.66
N ASN A 277 -7.97 -4.15 -8.91
CA ASN A 277 -7.56 -2.83 -9.42
C ASN A 277 -6.44 -2.14 -8.67
N THR A 278 -5.86 -2.79 -7.67
CA THR A 278 -4.83 -2.13 -6.89
C THR A 278 -3.51 -2.86 -6.68
N VAL A 279 -2.45 -2.08 -6.58
CA VAL A 279 -1.11 -2.62 -6.37
C VAL A 279 -0.44 -1.87 -5.23
N LYS A 280 -0.47 -2.46 -4.04
CA LYS A 280 0.17 -1.83 -2.90
C LYS A 280 1.67 -1.93 -3.04
N LEU A 281 2.30 -0.78 -3.17
CA LEU A 281 3.75 -0.68 -3.29
C LEU A 281 4.27 -0.65 -1.87
N THR A 282 5.27 -1.49 -1.59
CA THR A 282 5.82 -1.55 -0.25
C THR A 282 7.03 -0.64 -0.03
N SER A 283 7.94 -0.59 -0.99
CA SER A 283 9.13 0.27 -0.85
C SER A 283 8.84 1.67 -1.38
N GLY A 284 9.15 2.69 -0.58
CA GLY A 284 8.92 4.07 -0.99
C GLY A 284 8.97 5.06 0.16
N HIS A 285 9.21 6.33 -0.16
CA HIS A 285 9.28 7.38 0.86
C HIS A 285 8.62 8.65 0.33
N LEU A 286 8.51 9.67 1.17
CA LEU A 286 7.90 10.92 0.73
C LEU A 286 8.37 12.13 1.51
N LYS A 287 8.97 13.08 0.80
CA LYS A 287 9.47 14.28 1.44
C LYS A 287 8.36 15.31 1.53
N CYS A 288 8.00 15.71 2.73
CA CYS A 288 6.92 16.68 2.86
C CYS A 288 7.35 17.92 3.60
N ARG A 289 6.52 18.95 3.51
CA ARG A 289 6.77 20.20 4.20
C ARG A 289 5.45 20.51 4.91
N VAL A 290 5.40 20.24 6.21
CA VAL A 290 4.19 20.45 6.98
C VAL A 290 3.94 21.89 7.39
N LYS A 291 3.56 22.72 6.43
CA LYS A 291 3.28 24.11 6.72
C LYS A 291 2.11 24.14 7.68
N MET A 292 2.22 24.90 8.76
CA MET A 292 1.13 24.94 9.70
C MET A 292 0.99 26.24 10.45
N GLU A 293 1.02 27.35 9.74
CA GLU A 293 0.86 28.64 10.38
C GLU A 293 -0.64 28.79 10.57
N LYS A 294 -1.38 27.83 10.00
CA LYS A 294 -2.84 27.84 10.09
C LYS A 294 -3.31 26.82 11.14
N LEU A 295 -2.35 26.20 11.82
CA LEU A 295 -2.68 25.24 12.89
C LEU A 295 -2.82 26.09 14.13
N GLN A 296 -3.92 25.93 14.87
CA GLN A 296 -4.11 26.77 16.04
C GLN A 296 -4.69 26.09 17.29
N LEU A 297 -4.33 26.61 18.46
CA LEU A 297 -4.81 26.05 19.71
C LEU A 297 -6.30 26.25 19.87
N LYS A 298 -6.84 25.64 20.91
CA LYS A 298 -8.26 25.73 21.21
C LYS A 298 -8.39 25.71 22.72
N GLY A 299 -9.58 26.02 23.23
CA GLY A 299 -9.80 26.03 24.67
C GLY A 299 -8.71 26.72 25.45
N THR A 300 -8.28 27.88 24.96
CA THR A 300 -7.23 28.67 25.60
C THR A 300 -7.80 29.78 26.49
N THR A 301 -9.11 29.99 26.38
CA THR A 301 -9.78 31.01 27.16
C THR A 301 -10.47 30.41 28.38
N TYR A 302 -10.16 29.15 28.68
CA TYR A 302 -10.75 28.48 29.83
C TYR A 302 -9.87 28.64 31.05
N GLY A 303 -10.45 28.37 32.22
CA GLY A 303 -9.70 28.47 33.46
C GLY A 303 -9.05 27.14 33.79
N VAL A 304 -8.16 27.16 34.77
CA VAL A 304 -7.46 25.94 35.18
C VAL A 304 -8.36 25.02 36.00
N CYS A 305 -8.23 23.72 35.77
CA CYS A 305 -9.02 22.74 36.52
C CYS A 305 -8.64 22.86 37.98
N SER A 306 -9.66 23.00 38.81
CA SER A 306 -9.45 23.14 40.25
C SER A 306 -10.35 22.19 41.00
N LYS A 307 -9.90 20.95 41.11
CA LYS A 307 -10.60 19.87 41.78
C LYS A 307 -9.60 18.74 41.75
N ALA A 308 -9.79 17.72 42.57
CA ALA A 308 -8.84 16.63 42.61
C ALA A 308 -8.63 15.85 41.30
N PHE A 309 -7.41 15.33 41.16
CA PHE A 309 -7.02 14.54 40.00
C PHE A 309 -6.36 13.25 40.45
N LYS A 310 -6.88 12.12 39.99
CA LYS A 310 -6.33 10.83 40.39
C LYS A 310 -5.70 10.08 39.22
N PHE A 311 -4.60 9.39 39.48
CA PHE A 311 -3.96 8.59 38.44
C PHE A 311 -4.80 7.33 38.25
N LEU A 312 -4.80 6.75 37.05
CA LEU A 312 -5.55 5.52 36.84
C LEU A 312 -4.57 4.37 36.60
N GLY A 313 -3.34 4.53 37.03
CA GLY A 313 -2.36 3.47 36.83
C GLY A 313 -0.95 3.94 36.52
N THR A 314 0.01 3.08 36.85
CA THR A 314 1.41 3.39 36.62
C THR A 314 1.64 3.85 35.20
N PRO A 315 2.26 5.01 35.03
CA PRO A 315 2.54 5.52 33.69
C PRO A 315 3.32 4.45 32.94
N ALA A 316 3.25 4.44 31.62
CA ALA A 316 3.97 3.43 30.83
C ALA A 316 5.05 4.04 29.95
N ASP A 317 6.08 3.23 29.65
CA ASP A 317 7.20 3.67 28.81
C ASP A 317 6.89 3.38 27.35
N THR A 318 6.87 4.43 26.52
CA THR A 318 6.59 4.29 25.09
C THR A 318 7.80 3.72 24.36
N GLY A 319 8.93 3.69 25.04
CA GLY A 319 10.13 3.19 24.40
C GLY A 319 10.72 4.32 23.60
N HIS A 320 10.20 5.52 23.78
CA HIS A 320 10.71 6.67 23.04
C HIS A 320 11.22 7.81 23.93
N GLY A 321 11.38 7.52 25.22
CA GLY A 321 11.85 8.55 26.12
C GLY A 321 10.70 9.38 26.65
N THR A 322 9.50 8.90 26.39
CA THR A 322 8.28 9.55 26.88
C THR A 322 7.45 8.46 27.53
N VAL A 323 6.51 8.90 28.34
CA VAL A 323 5.65 7.99 29.03
C VAL A 323 4.21 8.39 28.78
N VAL A 324 3.31 7.45 28.99
CA VAL A 324 1.89 7.71 28.80
C VAL A 324 1.19 7.42 30.11
N LEU A 325 0.02 8.00 30.29
CA LEU A 325 -0.76 7.76 31.48
C LEU A 325 -2.14 8.36 31.29
N GLU A 326 -3.09 7.90 32.11
CA GLU A 326 -4.44 8.41 32.01
C GLU A 326 -4.95 8.90 33.35
N LEU A 327 -5.48 10.13 33.35
CA LEU A 327 -6.02 10.73 34.54
C LEU A 327 -7.52 10.55 34.59
N GLN A 328 -8.10 10.91 35.73
CA GLN A 328 -9.54 10.88 35.97
C GLN A 328 -9.77 12.16 36.76
N TYR A 329 -10.82 12.89 36.42
CA TYR A 329 -11.08 14.15 37.09
C TYR A 329 -12.27 14.08 38.05
N THR A 330 -12.01 14.27 39.34
CA THR A 330 -13.09 14.28 40.33
C THR A 330 -13.96 15.49 40.00
N GLY A 331 -13.30 16.53 39.48
CA GLY A 331 -13.98 17.75 39.11
C GLY A 331 -15.36 17.64 38.51
N THR A 332 -16.24 18.53 38.96
CA THR A 332 -17.62 18.57 38.49
C THR A 332 -17.71 19.64 37.41
N ASP A 333 -16.82 20.63 37.52
CA ASP A 333 -16.80 21.74 36.57
C ASP A 333 -16.52 21.25 35.15
N GLY A 334 -16.82 22.11 34.18
CA GLY A 334 -16.65 21.74 32.79
C GLY A 334 -15.23 21.79 32.24
N PRO A 335 -15.09 22.00 30.91
CA PRO A 335 -13.80 22.08 30.22
C PRO A 335 -12.86 23.12 30.81
N CYS A 336 -11.86 22.59 31.53
CA CYS A 336 -10.84 23.40 32.19
C CYS A 336 -9.48 22.81 31.80
N LYS A 337 -8.42 23.59 31.95
CA LYS A 337 -7.07 23.12 31.61
C LYS A 337 -6.56 22.17 32.70
N VAL A 338 -5.87 21.10 32.30
CA VAL A 338 -5.34 20.13 33.26
C VAL A 338 -3.98 20.61 33.74
N PRO A 339 -3.84 20.84 35.04
CA PRO A 339 -2.58 21.31 35.64
C PRO A 339 -1.53 20.23 35.83
N ILE A 340 -0.99 19.71 34.74
CA ILE A 340 0.03 18.67 34.88
C ILE A 340 1.38 19.09 34.33
N SER A 341 2.41 18.78 35.08
CA SER A 341 3.75 19.11 34.68
C SER A 341 4.69 18.08 35.26
N SER A 342 5.96 18.20 34.91
CA SER A 342 6.98 17.28 35.39
C SER A 342 7.96 18.11 36.20
N VAL A 343 8.05 17.76 37.48
CA VAL A 343 8.91 18.46 38.41
C VAL A 343 10.09 17.61 38.83
N ALA A 344 11.25 18.24 38.93
CA ALA A 344 12.50 17.55 39.29
C ALA A 344 12.51 17.06 40.75
N SER A 345 11.80 17.77 41.63
CA SER A 345 11.71 17.40 43.03
C SER A 345 10.43 17.99 43.58
N LEU A 346 9.76 17.29 44.48
CA LEU A 346 8.53 17.82 45.01
C LEU A 346 8.63 19.30 45.32
N ASN A 347 7.51 19.98 45.10
CA ASN A 347 7.35 21.42 45.27
C ASN A 347 8.45 22.35 44.74
N ASP A 348 8.88 22.11 43.50
CA ASP A 348 9.86 22.96 42.83
C ASP A 348 8.94 23.96 42.16
N LEU A 349 9.48 25.10 41.74
CA LEU A 349 8.60 26.08 41.11
C LEU A 349 8.57 25.92 39.60
N THR A 350 9.73 25.72 38.99
CA THR A 350 9.83 25.58 37.55
C THR A 350 9.83 24.14 37.03
N PRO A 351 8.97 23.86 36.01
CA PRO A 351 8.82 22.56 35.37
C PRO A 351 10.13 22.10 34.74
N VAL A 352 10.14 20.90 34.19
CA VAL A 352 11.34 20.35 33.57
C VAL A 352 10.95 19.30 32.52
N GLY A 353 9.73 18.82 32.63
CA GLY A 353 9.30 17.83 31.66
C GLY A 353 8.39 18.47 30.64
N ARG A 354 8.75 18.35 29.36
CA ARG A 354 7.95 18.90 28.28
C ARG A 354 6.81 17.92 27.98
N LEU A 355 5.62 18.46 27.79
CA LEU A 355 4.46 17.64 27.48
C LEU A 355 4.31 17.38 25.99
N VAL A 356 4.12 16.13 25.60
CA VAL A 356 3.87 15.89 24.19
C VAL A 356 2.44 16.42 24.00
N THR A 357 1.53 15.94 24.83
CA THR A 357 0.13 16.38 24.79
C THR A 357 0.02 17.80 25.31
N VAL A 358 0.55 18.75 24.56
CA VAL A 358 0.53 20.14 24.99
C VAL A 358 -0.88 20.69 25.24
N ASN A 359 -0.97 21.66 26.15
CA ASN A 359 -2.21 22.30 26.53
C ASN A 359 -3.34 21.29 26.68
N PRO A 360 -3.20 20.38 27.64
CA PRO A 360 -4.19 19.33 27.92
C PRO A 360 -5.40 19.94 28.59
N PHE A 361 -6.53 19.24 28.57
CA PHE A 361 -7.70 19.76 29.25
C PHE A 361 -8.92 18.83 29.19
N VAL A 362 -9.67 18.83 30.29
CA VAL A 362 -10.85 17.98 30.40
C VAL A 362 -11.86 18.44 29.37
N SER A 363 -12.06 17.57 28.38
CA SER A 363 -12.96 17.83 27.28
C SER A 363 -14.41 18.12 27.67
N VAL A 364 -14.97 17.32 28.58
CA VAL A 364 -16.36 17.49 28.98
C VAL A 364 -16.55 18.14 30.36
N ALA A 365 -17.80 18.50 30.66
CA ALA A 365 -18.16 19.11 31.94
C ALA A 365 -18.73 18.02 32.83
N THR A 366 -18.85 16.83 32.27
CA THR A 366 -19.36 15.65 32.96
C THR A 366 -18.28 15.12 33.89
N ALA A 367 -18.39 15.42 35.17
CA ALA A 367 -17.38 14.97 36.14
C ALA A 367 -16.82 13.58 35.86
N ASN A 368 -15.68 13.28 36.48
CA ASN A 368 -14.95 12.01 36.33
C ASN A 368 -14.65 11.59 34.89
N ALA A 369 -14.13 12.55 34.12
CA ALA A 369 -13.75 12.32 32.73
C ALA A 369 -12.31 11.84 32.70
N LYS A 370 -11.94 11.10 31.68
CA LYS A 370 -10.57 10.61 31.61
C LYS A 370 -9.72 11.47 30.68
N VAL A 371 -8.43 11.54 30.98
CA VAL A 371 -7.53 12.32 30.14
C VAL A 371 -6.25 11.55 29.86
N LEU A 372 -5.94 11.36 28.58
CA LEU A 372 -4.71 10.65 28.26
C LEU A 372 -3.60 11.68 28.14
N ILE A 373 -2.41 11.29 28.57
CA ILE A 373 -1.28 12.20 28.50
C ILE A 373 0.05 11.52 28.23
N GLU A 374 0.76 12.07 27.25
CA GLU A 374 2.07 11.58 26.91
C GLU A 374 3.00 12.73 27.15
N LEU A 375 4.07 12.46 27.88
CA LEU A 375 5.04 13.48 28.20
C LEU A 375 6.42 12.86 28.30
N GLU A 376 7.44 13.68 28.04
CA GLU A 376 8.82 13.23 28.12
C GLU A 376 9.37 13.74 29.42
N PRO A 377 9.72 12.82 30.33
CA PRO A 377 10.26 13.32 31.59
C PRO A 377 11.78 13.49 31.48
N PRO A 378 12.40 14.20 32.43
CA PRO A 378 13.85 14.37 32.34
C PRO A 378 14.51 13.05 32.66
N PHE A 379 15.80 12.92 32.36
CA PHE A 379 16.50 11.69 32.66
C PHE A 379 16.61 11.57 34.17
N GLY A 380 16.92 10.36 34.63
CA GLY A 380 17.01 10.14 36.06
C GLY A 380 15.65 10.26 36.69
N ASP A 381 15.62 10.38 38.02
CA ASP A 381 14.35 10.49 38.72
C ASP A 381 13.71 11.86 38.54
N SER A 382 12.39 11.89 38.60
CA SER A 382 11.59 13.09 38.45
C SER A 382 10.20 12.80 38.99
N TYR A 383 9.36 13.83 39.03
CA TYR A 383 8.01 13.65 39.51
C TYR A 383 6.99 14.21 38.54
N ILE A 384 5.91 13.46 38.32
CA ILE A 384 4.84 13.93 37.46
C ILE A 384 3.89 14.48 38.50
N VAL A 385 3.24 15.58 38.22
CA VAL A 385 2.33 16.16 39.21
C VAL A 385 1.11 16.77 38.56
N VAL A 386 -0.02 16.67 39.23
CA VAL A 386 -1.25 17.22 38.71
C VAL A 386 -1.98 17.99 39.80
N GLY A 387 -2.38 19.23 39.50
CA GLY A 387 -3.05 20.07 40.47
C GLY A 387 -1.96 20.73 41.29
N ARG A 388 -2.32 21.47 42.34
CA ARG A 388 -1.29 22.09 43.16
C ARG A 388 -1.72 22.21 44.61
N GLY A 389 -0.74 22.37 45.49
CA GLY A 389 -1.02 22.51 46.90
C GLY A 389 -1.48 21.22 47.52
N GLU A 390 -2.62 21.27 48.19
CA GLU A 390 -3.15 20.10 48.84
C GLU A 390 -4.13 19.31 48.00
N GLN A 391 -4.30 19.75 46.76
CA GLN A 391 -5.17 19.03 45.84
C GLN A 391 -4.21 18.12 45.08
N GLN A 392 -3.09 18.73 44.71
CA GLN A 392 -2.00 18.09 43.98
C GLN A 392 -1.65 16.68 44.35
N ILE A 393 -1.46 15.84 43.35
CA ILE A 393 -1.05 14.46 43.54
C ILE A 393 0.28 14.37 42.82
N ASN A 394 0.92 13.21 42.86
CA ASN A 394 2.20 13.07 42.20
C ASN A 394 2.55 11.62 42.06
N HIS A 395 3.48 11.35 41.17
CA HIS A 395 3.92 10.00 40.95
C HIS A 395 5.35 10.17 40.43
N HIS A 396 6.27 9.43 41.03
CA HIS A 396 7.68 9.52 40.67
C HIS A 396 8.04 8.72 39.44
N TRP A 397 9.15 9.06 38.81
CA TRP A 397 9.60 8.36 37.62
C TRP A 397 11.10 8.52 37.44
N HIS A 398 11.73 7.54 36.84
CA HIS A 398 13.17 7.58 36.60
C HIS A 398 13.52 7.12 35.18
N LYS A 399 13.97 8.07 34.36
CA LYS A 399 14.34 7.80 32.98
C LYS A 399 15.79 7.36 32.98
N SER A 400 16.23 6.69 31.92
CA SER A 400 17.61 6.20 31.79
C SER A 400 18.25 6.52 30.43
C1 NAG B . -14.59 3.48 18.26
C2 NAG B . -14.47 2.06 18.79
C3 NAG B . -15.76 1.56 19.42
C4 NAG B . -16.92 1.75 18.45
C5 NAG B . -17.00 3.19 17.96
C6 NAG B . -17.43 4.27 18.94
C7 NAG B . -13.18 0.24 17.89
C8 NAG B . -13.68 -1.15 18.24
N2 NAG B . -14.10 1.18 17.69
O3 NAG B . -16.01 2.25 20.63
O4 NAG B . -16.71 0.88 17.31
O5 NAG B . -15.73 3.59 17.37
O6 NAG B . -18.02 3.71 20.13
O7 NAG B . -11.98 0.47 17.79
C1 NDG B . -17.79 0.15 16.81
C2 NDG B . -18.37 -0.76 17.90
C3 NDG B . -17.28 -1.73 18.37
C4 NDG B . -16.74 -2.53 17.17
C5 NDG B . -16.34 -1.61 15.99
C6 NDG B . -16.08 -2.38 14.72
C7 NDG B . -20.14 0.51 18.93
C8 NDG B . -20.32 1.83 18.19
O5 NDG B . -17.40 -0.65 15.70
O3 NDG B . -17.82 -2.62 19.33
O4 NDG B . -15.58 -3.29 17.58
O6 NDG B . -15.03 -3.32 14.88
O7 NDG B . -21.11 -0.05 19.44
N2 NDG B . -18.90 0.02 19.00
C1 FUL B . -17.47 4.33 21.26
C2 FUL B . -17.88 3.62 22.56
O2 FUL B . -17.60 2.22 22.45
C3 FUL B . -17.08 4.25 23.70
O3 FUL B . -17.45 3.66 24.95
C4 FUL B . -17.32 5.77 23.75
O4 FUL B . -18.65 6.04 24.15
C5 FUL B . -17.04 6.40 22.38
C6 FUL B . -17.42 7.87 22.30
O5 FUL B . -17.78 5.72 21.35
#